data_6HJJ
#
_entry.id   6HJJ
#
_cell.length_a   82.027
_cell.length_b   82.027
_cell.length_c   172.609
_cell.angle_alpha   90.00
_cell.angle_beta   90.00
_cell.angle_gamma   120.00
#
_symmetry.space_group_name_H-M   'P 61 2 2'
#
loop_
_entity.id
_entity.type
_entity.pdbx_description
1 polymer 'Aurora kinase A'
2 non-polymer ~{N}-[4-(4-azanyl-1-propan-2-yl-pyrazolo[3,4-d]pyrimidin-3-yl)-3-methyl-phenyl]-4-[4-fluoranyl-3-(trifluoromethyl)phenyl]-4-oxidanylidene-butanamide
3 non-polymer 'CHLORIDE ION'
4 non-polymer 'ACETATE ION'
5 non-polymer 2,5,8,11-TETRAOXATRIDECANE
6 water water
#
_entity_poly.entity_id   1
_entity_poly.type   'polypeptide(L)'
_entity_poly.pdbx_seq_one_letter_code
;GAMESKKRQWALEDFEIGRPLGKGKFGNVYLAREKQSKFILALKVLFKAQLEKAGVEHQLRREVEIQSHLRHPNILRLYG
YFHDATRVYLICEYAPLGTVYRELQKLSKFDEQRTATYITELANALSYCHSKRVIHRDIKPENLLLGSAGELKIADFGWS
VHAPSSRRTTLAGTLDYLPPEMIEGRMHDEKVDLWSLGVLCYEFLVGKPPFEANTYQETYKRISRVEFTFPDFVTEGARD
LISRLLKHNPSQRPMLREVLEHPWITANSSKPSNAQNKESASKQS
;
_entity_poly.pdbx_strand_id   A
#
loop_
_chem_comp.id
_chem_comp.type
_chem_comp.name
_chem_comp.formula
ACT non-polymer 'ACETATE ION' 'C2 H3 O2 -1'
CL non-polymer 'CHLORIDE ION' 'Cl -1'
G7T non-polymer ~{N}-[4-(4-azanyl-1-propan-2-yl-pyrazolo[3,4-d]pyrimidin-3-yl)-3-methyl-phenyl]-4-[4-fluoranyl-3-(trifluoromethyl)phenyl]-4-oxidanylidene-butanamide 'C26 H24 F4 N6 O2'
PGF non-polymer 2,5,8,11-TETRAOXATRIDECANE 'C9 H20 O4'
#
# COMPACT_ATOMS: atom_id res chain seq x y z
N GLN A 9 26.62 -12.17 0.58
CA GLN A 9 27.66 -11.78 1.53
C GLN A 9 27.20 -10.67 2.49
N TRP A 10 26.10 -10.91 3.19
CA TRP A 10 25.56 -9.91 4.10
C TRP A 10 25.22 -10.50 5.46
N ALA A 11 25.42 -9.72 6.51
CA ALA A 11 25.18 -10.18 7.88
C ALA A 11 24.76 -9.05 8.80
N LEU A 12 24.21 -9.40 9.96
CA LEU A 12 23.68 -8.42 10.90
C LEU A 12 24.76 -7.49 11.45
N GLU A 13 25.95 -8.04 11.63
CA GLU A 13 27.07 -7.27 12.15
C GLU A 13 27.49 -6.15 11.20
N ASP A 14 26.90 -6.14 10.01
CA ASP A 14 27.18 -5.11 9.01
C ASP A 14 26.43 -3.81 9.30
N PHE A 15 25.51 -3.88 10.25
CA PHE A 15 24.64 -2.75 10.54
C PHE A 15 24.64 -2.35 12.00
N GLU A 16 24.67 -1.05 12.24
CA GLU A 16 24.36 -0.55 13.58
C GLU A 16 22.86 -0.39 13.66
N ILE A 17 22.28 -0.93 14.71
CA ILE A 17 20.84 -0.92 14.85
C ILE A 17 20.42 0.26 15.71
N GLY A 18 19.43 0.99 15.22
CA GLY A 18 18.90 2.11 15.96
C GLY A 18 17.60 1.73 16.63
N ARG A 19 16.73 2.72 16.79
CA ARG A 19 15.48 2.53 17.50
C ARG A 19 14.51 1.73 16.66
N PRO A 20 13.57 1.04 17.34
CA PRO A 20 12.44 0.39 16.68
C PRO A 20 11.58 1.42 15.98
N LEU A 21 11.38 1.26 14.68
CA LEU A 21 10.45 2.11 13.97
C LEU A 21 9.04 1.59 14.22
N GLY A 22 8.92 0.27 14.31
CA GLY A 22 7.62 -0.36 14.45
C GLY A 22 7.69 -1.87 14.62
N LYS A 23 6.71 -2.43 15.34
CA LYS A 23 6.69 -3.85 15.64
C LYS A 23 5.52 -4.53 14.93
N GLY A 24 5.82 -5.55 14.13
CA GLY A 24 4.82 -6.21 13.32
C GLY A 24 4.52 -7.63 13.76
N LYS A 25 3.64 -8.30 13.02
CA LYS A 25 3.24 -9.66 13.37
C LYS A 25 4.43 -10.61 13.33
N PHE A 26 5.09 -10.67 12.17
CA PHE A 26 6.15 -11.64 11.95
C PHE A 26 7.53 -11.13 12.38
N GLY A 27 7.57 -9.90 12.88
CA GLY A 27 8.81 -9.32 13.33
C GLY A 27 8.80 -7.80 13.36
N ASN A 28 9.95 -7.22 13.65
CA ASN A 28 10.06 -5.80 13.89
C ASN A 28 10.87 -5.09 12.81
N VAL A 29 10.64 -3.78 12.70
CA VAL A 29 11.38 -2.91 11.80
C VAL A 29 12.23 -1.92 12.59
N TYR A 30 13.50 -1.81 12.24
CA TYR A 30 14.41 -0.92 12.96
C TYR A 30 15.07 0.07 12.03
N LEU A 31 15.34 1.27 12.53
CA LEU A 31 16.26 2.15 11.86
C LEU A 31 17.64 1.50 11.95
N ALA A 32 18.42 1.62 10.89
CA ALA A 32 19.74 1.01 10.89
C ALA A 32 20.70 1.80 10.00
N ARG A 33 21.97 1.79 10.35
CA ARG A 33 23.01 2.40 9.54
C ARG A 33 24.02 1.35 9.12
N GLU A 34 24.22 1.17 7.81
CA GLU A 34 25.28 0.27 7.34
C GLU A 34 26.65 0.83 7.75
N LYS A 35 27.50 -0.01 8.30
CA LYS A 35 28.73 0.48 8.95
C LYS A 35 29.78 1.02 7.99
N GLN A 36 30.03 0.33 6.88
CA GLN A 36 31.07 0.77 5.95
C GLN A 36 30.71 2.09 5.26
N SER A 37 29.45 2.25 4.87
CA SER A 37 29.02 3.39 4.06
C SER A 37 28.29 4.45 4.86
N LYS A 38 27.88 4.10 6.08
CA LYS A 38 27.02 4.96 6.89
C LYS A 38 25.64 5.18 6.24
N PHE A 39 25.23 4.29 5.34
CA PHE A 39 23.92 4.44 4.65
C PHE A 39 22.74 4.15 5.60
N ILE A 40 21.87 5.13 5.80
CA ILE A 40 20.73 4.96 6.69
C ILE A 40 19.61 4.22 5.96
N LEU A 41 19.02 3.25 6.64
CA LEU A 41 18.05 2.38 6.00
C LEU A 41 17.15 1.77 7.06
N ALA A 42 16.19 0.97 6.61
CA ALA A 42 15.28 0.31 7.53
C ALA A 42 15.49 -1.18 7.42
N LEU A 43 15.74 -1.79 8.56
CA LEU A 43 16.02 -3.20 8.66
C LEU A 43 14.78 -3.90 9.21
N LYS A 44 14.12 -4.72 8.38
CA LYS A 44 12.98 -5.49 8.86
C LYS A 44 13.35 -6.93 9.19
N VAL A 45 13.03 -7.33 10.41
CA VAL A 45 13.45 -8.61 10.95
C VAL A 45 12.28 -9.59 10.99
N LEU A 46 12.44 -10.74 10.36
CA LEU A 46 11.37 -11.73 10.35
C LEU A 46 11.87 -13.07 10.87
N PHE A 47 11.10 -13.71 11.73
CA PHE A 47 11.52 -14.98 12.28
C PHE A 47 10.99 -16.14 11.43
N LYS A 48 11.94 -16.95 10.93
CA LYS A 48 11.62 -18.07 10.05
C LYS A 48 10.48 -18.92 10.58
N ALA A 49 10.60 -19.36 11.84
CA ALA A 49 9.63 -20.29 12.42
C ALA A 49 8.21 -19.74 12.37
N GLN A 50 8.09 -18.43 12.53
CA GLN A 50 6.81 -17.76 12.41
C GLN A 50 6.27 -17.87 10.97
N LEU A 51 7.08 -17.46 10.01
CA LEU A 51 6.71 -17.50 8.61
C LEU A 51 6.32 -18.92 8.19
N GLU A 52 7.01 -19.89 8.76
CA GLU A 52 6.80 -21.29 8.44
C GLU A 52 5.52 -21.79 9.08
N LYS A 53 5.31 -21.45 10.35
CA LYS A 53 4.11 -21.87 11.07
C LYS A 53 2.88 -21.24 10.44
N ALA A 54 3.09 -20.22 9.62
CA ALA A 54 2.02 -19.56 8.89
C ALA A 54 2.02 -20.01 7.44
N GLY A 55 3.07 -20.74 7.05
CA GLY A 55 3.20 -21.30 5.72
C GLY A 55 3.34 -20.26 4.63
N VAL A 56 3.91 -19.11 4.95
CA VAL A 56 4.03 -18.03 3.98
C VAL A 56 5.48 -17.75 3.61
N GLU A 57 6.36 -18.69 3.95
CA GLU A 57 7.79 -18.49 3.70
C GLU A 57 8.03 -18.36 2.21
N HIS A 58 7.45 -19.27 1.46
N HIS A 58 7.46 -19.28 1.44
CA HIS A 58 7.56 -19.28 0.00
CA HIS A 58 7.57 -19.28 -0.01
C HIS A 58 6.99 -18.01 -0.62
C HIS A 58 7.00 -17.99 -0.61
N GLN A 59 5.88 -17.53 -0.07
CA GLN A 59 5.22 -16.34 -0.58
C GLN A 59 6.09 -15.13 -0.35
N LEU A 60 6.66 -15.05 0.83
CA LEU A 60 7.63 -14.01 1.18
C LEU A 60 8.73 -13.99 0.12
N ARG A 61 9.23 -15.17 -0.20
CA ARG A 61 10.31 -15.32 -1.18
C ARG A 61 9.91 -14.75 -2.53
N ARG A 62 8.73 -15.14 -2.99
CA ARG A 62 8.19 -14.65 -4.26
C ARG A 62 8.01 -13.13 -4.26
N GLU A 63 7.41 -12.60 -3.20
CA GLU A 63 7.19 -11.16 -3.07
C GLU A 63 8.52 -10.39 -3.07
N VAL A 64 9.50 -10.88 -2.32
CA VAL A 64 10.81 -10.25 -2.31
C VAL A 64 11.43 -10.33 -3.70
N GLU A 65 11.23 -11.47 -4.37
CA GLU A 65 11.73 -11.64 -5.72
C GLU A 65 11.14 -10.56 -6.64
N ILE A 66 9.82 -10.41 -6.63
CA ILE A 66 9.17 -9.41 -7.47
C ILE A 66 9.55 -7.98 -7.10
N GLN A 67 9.74 -7.73 -5.80
CA GLN A 67 10.10 -6.40 -5.32
C GLN A 67 11.43 -5.93 -5.88
N SER A 68 12.39 -6.84 -5.94
CA SER A 68 13.73 -6.51 -6.41
C SER A 68 13.69 -5.84 -7.78
N HIS A 69 12.73 -6.23 -8.60
CA HIS A 69 12.65 -5.77 -9.98
C HIS A 69 11.86 -4.47 -10.11
N LEU A 70 11.48 -3.87 -8.98
CA LEU A 70 10.63 -2.68 -8.96
C LEU A 70 11.40 -1.42 -8.57
N ARG A 71 11.56 -0.50 -9.53
CA ARG A 71 12.23 0.78 -9.27
C ARG A 71 11.31 1.95 -9.60
N HIS A 72 10.83 2.64 -8.58
CA HIS A 72 9.90 3.74 -8.78
C HIS A 72 9.88 4.62 -7.53
N PRO A 73 9.79 5.94 -7.71
CA PRO A 73 9.94 6.79 -6.53
C PRO A 73 8.74 6.66 -5.59
N ASN A 74 7.64 6.07 -6.06
CA ASN A 74 6.52 5.85 -5.16
C ASN A 74 6.38 4.38 -4.74
N ILE A 75 7.46 3.63 -4.86
CA ILE A 75 7.51 2.28 -4.30
C ILE A 75 8.74 2.12 -3.40
N LEU A 76 8.57 1.62 -2.18
CA LEU A 76 9.71 1.49 -1.28
C LEU A 76 10.78 0.59 -1.89
N ARG A 77 12.03 1.05 -1.87
CA ARG A 77 13.14 0.29 -2.41
C ARG A 77 13.48 -0.89 -1.52
N LEU A 78 13.70 -2.04 -2.14
CA LEU A 78 14.27 -3.19 -1.44
C LEU A 78 15.73 -3.30 -1.87
N TYR A 79 16.65 -2.96 -0.97
CA TYR A 79 18.06 -2.97 -1.31
C TYR A 79 18.62 -4.40 -1.36
N GLY A 80 18.16 -5.25 -0.46
CA GLY A 80 18.62 -6.61 -0.42
C GLY A 80 18.07 -7.35 0.77
N TYR A 81 18.59 -8.54 1.02
CA TYR A 81 18.09 -9.36 2.12
C TYR A 81 19.11 -10.44 2.47
N PHE A 82 18.93 -11.06 3.63
CA PHE A 82 19.76 -12.17 4.06
C PHE A 82 19.08 -12.84 5.24
N HIS A 83 19.70 -13.91 5.73
CA HIS A 83 19.16 -14.60 6.90
C HIS A 83 20.26 -15.23 7.74
N ASP A 84 20.01 -15.40 9.03
CA ASP A 84 20.88 -16.20 9.87
C ASP A 84 20.23 -17.55 10.07
N ALA A 85 20.48 -18.17 11.21
CA ALA A 85 19.87 -19.45 11.53
C ALA A 85 18.37 -19.32 11.81
N THR A 86 17.98 -18.23 12.46
CA THR A 86 16.63 -18.10 13.01
C THR A 86 15.79 -16.97 12.42
N ARG A 87 16.42 -16.00 11.78
CA ARG A 87 15.67 -14.84 11.30
C ARG A 87 15.90 -14.54 9.82
N VAL A 88 14.95 -13.81 9.23
CA VAL A 88 15.11 -13.27 7.88
C VAL A 88 15.18 -11.75 7.96
N TYR A 89 16.10 -11.16 7.21
CA TYR A 89 16.30 -9.71 7.24
C TYR A 89 16.03 -9.05 5.89
N LEU A 90 15.18 -8.04 5.88
CA LEU A 90 14.97 -7.24 4.68
C LEU A 90 15.59 -5.86 4.86
N ILE A 91 16.49 -5.49 3.94
CA ILE A 91 17.17 -4.20 3.98
C ILE A 91 16.41 -3.23 3.08
N CYS A 92 15.78 -2.24 3.69
CA CYS A 92 14.80 -1.43 2.96
C CYS A 92 15.08 0.04 2.99
N GLU A 93 14.47 0.75 2.05
CA GLU A 93 14.51 2.17 2.06
C GLU A 93 13.87 2.66 3.35
N TYR A 94 14.57 3.58 3.99
CA TYR A 94 14.07 4.29 5.15
C TYR A 94 13.19 5.43 4.68
N ALA A 95 11.96 5.47 5.20
CA ALA A 95 10.97 6.48 4.85
C ALA A 95 10.77 7.37 6.06
N PRO A 96 11.37 8.56 6.05
CA PRO A 96 11.52 9.38 7.27
C PRO A 96 10.22 9.95 7.87
N LEU A 97 9.16 10.11 7.08
CA LEU A 97 7.96 10.82 7.56
C LEU A 97 6.82 9.88 7.99
N GLY A 98 7.11 8.60 8.14
CA GLY A 98 6.16 7.67 8.73
C GLY A 98 5.08 7.15 7.78
N THR A 99 3.96 6.69 8.34
CA THR A 99 2.87 6.08 7.55
C THR A 99 1.74 7.07 7.25
N VAL A 100 0.96 6.79 6.20
CA VAL A 100 -0.24 7.60 5.91
C VAL A 100 -1.27 7.36 6.99
N TYR A 101 -1.32 6.12 7.47
CA TYR A 101 -2.17 5.76 8.60
C TYR A 101 -2.01 6.72 9.77
N ARG A 102 -0.77 6.97 10.16
CA ARG A 102 -0.48 7.84 11.28
C ARG A 102 -0.83 9.29 10.92
N GLU A 103 -0.53 9.70 9.70
CA GLU A 103 -0.89 11.04 9.24
C GLU A 103 -2.41 11.27 9.30
N LEU A 104 -3.17 10.29 8.84
CA LEU A 104 -4.63 10.37 8.85
C LEU A 104 -5.19 10.49 10.26
N GLN A 105 -4.57 9.84 11.22
CA GLN A 105 -5.14 9.93 12.56
C GLN A 105 -4.67 11.19 13.28
N LYS A 106 -3.61 11.81 12.78
CA LYS A 106 -3.20 13.12 13.30
C LYS A 106 -4.07 14.24 12.69
N LEU A 107 -4.40 14.13 11.41
CA LEU A 107 -5.15 15.19 10.73
C LEU A 107 -6.66 14.96 10.70
N SER A 108 -7.08 13.76 11.10
CA SER A 108 -8.48 13.31 11.04
C SER A 108 -8.90 12.93 9.62
N LYS A 109 -8.75 13.85 8.67
CA LYS A 109 -8.98 13.52 7.27
C LYS A 109 -8.16 14.47 6.43
N PHE A 110 -8.02 14.18 5.13
CA PHE A 110 -7.17 14.98 4.26
C PHE A 110 -8.00 15.92 3.38
N ASP A 111 -7.42 17.04 2.97
CA ASP A 111 -8.15 17.92 2.06
C ASP A 111 -8.10 17.33 0.65
N GLU A 112 -8.80 17.93 -0.29
CA GLU A 112 -8.90 17.35 -1.63
C GLU A 112 -7.58 17.40 -2.39
N GLN A 113 -6.68 18.30 -1.99
CA GLN A 113 -5.44 18.46 -2.73
C GLN A 113 -4.40 17.41 -2.32
N ARG A 114 -4.26 17.20 -1.02
CA ARG A 114 -3.43 16.09 -0.53
C ARG A 114 -4.00 14.76 -1.04
N THR A 115 -5.32 14.61 -1.01
CA THR A 115 -5.92 13.33 -1.44
C THR A 115 -5.64 13.04 -2.91
N ALA A 116 -5.87 14.03 -3.77
CA ALA A 116 -5.68 13.83 -5.20
C ALA A 116 -4.22 13.60 -5.53
N THR A 117 -3.33 14.30 -4.81
CA THR A 117 -1.91 14.09 -4.99
C THR A 117 -1.51 12.65 -4.64
N TYR A 118 -1.94 12.19 -3.46
CA TYR A 118 -1.66 10.81 -3.03
C TYR A 118 -2.21 9.79 -4.05
N ILE A 119 -3.45 10.00 -4.50
CA ILE A 119 -4.05 9.10 -5.48
C ILE A 119 -3.24 9.10 -6.77
N THR A 120 -2.75 10.26 -7.17
CA THR A 120 -1.93 10.38 -8.36
C THR A 120 -0.62 9.62 -8.25
N GLU A 121 0.04 9.72 -7.10
CA GLU A 121 1.30 9.04 -6.90
C GLU A 121 1.11 7.53 -6.93
N LEU A 122 0.04 7.07 -6.29
CA LEU A 122 -0.34 5.65 -6.30
C LEU A 122 -0.67 5.14 -7.70
N ALA A 123 -1.44 5.93 -8.44
CA ALA A 123 -1.84 5.52 -9.79
C ALA A 123 -0.60 5.42 -10.69
N ASN A 124 0.34 6.34 -10.51
CA ASN A 124 1.58 6.30 -11.29
C ASN A 124 2.40 5.06 -10.98
N ALA A 125 2.61 4.82 -9.69
CA ALA A 125 3.28 3.63 -9.21
C ALA A 125 2.57 2.37 -9.73
N LEU A 126 1.27 2.30 -9.55
CA LEU A 126 0.53 1.12 -10.01
C LEU A 126 0.59 0.97 -11.53
N SER A 127 0.59 2.09 -12.24
CA SER A 127 0.64 2.06 -13.69
C SER A 127 1.98 1.50 -14.14
N TYR A 128 3.05 1.87 -13.44
CA TYR A 128 4.38 1.33 -13.72
C TYR A 128 4.40 -0.17 -13.43
N CYS A 129 3.77 -0.58 -12.33
CA CYS A 129 3.67 -2.00 -11.99
C CYS A 129 2.87 -2.80 -13.04
N HIS A 130 1.77 -2.22 -13.51
CA HIS A 130 0.96 -2.88 -14.52
C HIS A 130 1.75 -3.13 -15.80
N SER A 131 2.58 -2.16 -16.18
CA SER A 131 3.44 -2.31 -17.34
C SER A 131 4.44 -3.44 -17.13
N LYS A 132 4.80 -3.71 -15.88
CA LYS A 132 5.73 -4.80 -15.59
C LYS A 132 4.99 -6.08 -15.27
N ARG A 133 3.70 -6.12 -15.63
CA ARG A 133 2.85 -7.28 -15.39
C ARG A 133 2.71 -7.59 -13.90
N VAL A 134 2.91 -6.57 -13.07
CA VAL A 134 2.74 -6.72 -11.64
C VAL A 134 1.45 -6.09 -11.17
N ILE A 135 0.75 -6.80 -10.29
CA ILE A 135 -0.45 -6.24 -9.69
C ILE A 135 -0.28 -6.28 -8.19
N HIS A 136 -1.07 -5.48 -7.49
CA HIS A 136 -0.97 -5.44 -6.05
C HIS A 136 -2.16 -6.09 -5.39
N ARG A 137 -1.95 -6.60 -4.18
CA ARG A 137 -3.05 -7.13 -3.41
C ARG A 137 -3.71 -5.98 -2.68
N ASP A 138 -4.13 -6.27 -1.47
CA ASP A 138 -4.61 -5.28 -0.52
C ASP A 138 -3.66 -4.07 -0.38
N ILE A 139 -4.19 -2.85 -0.47
CA ILE A 139 -3.38 -1.65 -0.20
C ILE A 139 -3.92 -0.92 1.03
N LYS A 140 -3.18 -0.95 2.13
CA LYS A 140 -3.66 -0.32 3.37
C LYS A 140 -2.83 0.92 3.67
N PRO A 141 -3.45 1.91 4.31
CA PRO A 141 -2.71 3.12 4.66
C PRO A 141 -1.51 2.88 5.61
N GLU A 142 -1.54 1.86 6.46
CA GLU A 142 -0.38 1.57 7.31
C GLU A 142 0.79 1.08 6.46
N ASN A 143 0.51 0.71 5.21
CA ASN A 143 1.54 0.20 4.32
C ASN A 143 1.97 1.23 3.29
N LEU A 144 1.51 2.46 3.48
CA LEU A 144 1.96 3.59 2.69
C LEU A 144 2.84 4.49 3.54
N LEU A 145 4.11 4.60 3.17
CA LEU A 145 5.08 5.37 3.93
C LEU A 145 5.35 6.70 3.23
N LEU A 146 6.05 7.60 3.91
CA LEU A 146 6.28 8.94 3.36
C LEU A 146 7.77 9.25 3.28
N GLY A 147 8.20 9.66 2.09
CA GLY A 147 9.59 10.00 1.88
C GLY A 147 9.93 11.32 2.55
N SER A 148 11.17 11.77 2.37
CA SER A 148 11.62 12.97 3.08
C SER A 148 10.88 14.22 2.59
N ALA A 149 10.58 14.29 1.30
CA ALA A 149 9.75 15.38 0.79
C ALA A 149 8.26 15.01 0.86
N GLY A 150 7.91 14.05 1.70
CA GLY A 150 6.51 13.68 1.91
C GLY A 150 5.86 12.96 0.73
N GLU A 151 6.68 12.41 -0.16
CA GLU A 151 6.18 11.63 -1.27
C GLU A 151 5.75 10.26 -0.79
N LEU A 152 4.69 9.75 -1.37
CA LEU A 152 4.09 8.52 -0.87
C LEU A 152 4.86 7.30 -1.40
N LYS A 153 4.95 6.24 -0.60
CA LYS A 153 5.65 5.03 -1.02
C LYS A 153 4.91 3.74 -0.64
N ILE A 154 4.60 2.91 -1.62
CA ILE A 154 4.03 1.61 -1.35
C ILE A 154 5.09 0.72 -0.69
N ALA A 155 4.83 0.29 0.53
CA ALA A 155 5.88 -0.29 1.37
C ALA A 155 5.71 -1.79 1.68
N ASP A 156 4.50 -2.31 1.51
CA ASP A 156 4.33 -3.74 1.65
C ASP A 156 4.65 -4.36 0.30
N PHE A 157 5.23 -5.54 0.32
CA PHE A 157 5.57 -6.20 -0.93
C PHE A 157 4.31 -6.90 -1.48
N GLY A 158 4.50 -7.86 -2.39
CA GLY A 158 3.39 -8.56 -3.04
C GLY A 158 2.20 -7.73 -3.49
N TRP A 159 2.06 -7.44 -4.78
CA TRP A 159 2.88 -7.94 -5.88
C TRP A 159 2.57 -9.40 -6.21
N SER A 160 1.68 -9.59 -7.20
CA SER A 160 1.41 -10.89 -7.78
C SER A 160 1.95 -10.93 -9.21
N VAL A 161 1.98 -12.12 -9.79
CA VAL A 161 2.45 -12.28 -11.17
C VAL A 161 2.17 -13.68 -11.68
N GLY A 173 -7.10 -11.44 8.40
CA GLY A 173 -6.99 -9.99 8.57
C GLY A 173 -8.28 -9.24 8.33
N THR A 174 -8.23 -7.92 8.54
CA THR A 174 -9.36 -7.02 8.27
C THR A 174 -9.76 -7.06 6.80
N LEU A 175 -11.07 -7.03 6.53
CA LEU A 175 -11.55 -7.06 5.16
C LEU A 175 -11.61 -5.70 4.50
N ASP A 176 -11.50 -4.63 5.30
CA ASP A 176 -11.79 -3.25 4.83
C ASP A 176 -11.28 -2.89 3.44
N TYR A 177 -10.14 -3.44 3.03
CA TYR A 177 -9.53 -3.00 1.77
C TYR A 177 -9.59 -4.04 0.66
N LEU A 178 -10.24 -5.17 0.90
CA LEU A 178 -10.35 -6.21 -0.13
C LEU A 178 -11.51 -5.92 -1.07
N PRO A 179 -11.31 -6.14 -2.37
CA PRO A 179 -12.40 -6.05 -3.35
C PRO A 179 -13.38 -7.22 -3.23
N PRO A 180 -14.61 -7.04 -3.75
CA PRO A 180 -15.65 -8.06 -3.65
C PRO A 180 -15.24 -9.37 -4.31
N GLU A 181 -14.58 -9.31 -5.45
CA GLU A 181 -14.19 -10.52 -6.15
C GLU A 181 -13.21 -11.36 -5.32
N MET A 182 -12.52 -10.71 -4.38
CA MET A 182 -11.53 -11.41 -3.57
C MET A 182 -12.19 -12.05 -2.36
N ILE A 183 -13.20 -11.39 -1.81
CA ILE A 183 -13.91 -11.96 -0.67
C ILE A 183 -15.03 -12.91 -1.11
N GLU A 184 -15.50 -12.78 -2.35
CA GLU A 184 -16.55 -13.65 -2.86
C GLU A 184 -15.97 -14.91 -3.47
N GLY A 185 -14.65 -14.94 -3.59
CA GLY A 185 -13.97 -16.09 -4.17
C GLY A 185 -14.14 -16.17 -5.67
N ARG A 186 -14.07 -15.02 -6.34
CA ARG A 186 -14.15 -14.97 -7.79
C ARG A 186 -12.77 -14.63 -8.39
N MET A 187 -12.64 -14.79 -9.70
CA MET A 187 -11.40 -14.48 -10.38
C MET A 187 -11.08 -12.98 -10.28
N HIS A 188 -9.85 -12.64 -9.93
CA HIS A 188 -9.47 -11.24 -9.80
C HIS A 188 -8.22 -10.91 -10.63
N ASP A 189 -8.08 -9.65 -11.01
CA ASP A 189 -6.95 -9.22 -11.83
C ASP A 189 -6.45 -7.84 -11.40
N GLU A 190 -5.85 -7.11 -12.35
CA GLU A 190 -5.26 -5.82 -12.03
C GLU A 190 -6.32 -4.82 -11.61
N LYS A 191 -7.59 -5.17 -11.83
CA LYS A 191 -8.69 -4.30 -11.44
C LYS A 191 -8.84 -4.19 -9.93
N VAL A 192 -8.21 -5.08 -9.18
CA VAL A 192 -8.23 -4.95 -7.73
C VAL A 192 -7.55 -3.63 -7.31
N ASP A 193 -6.57 -3.22 -8.09
CA ASP A 193 -5.84 -1.98 -7.82
C ASP A 193 -6.73 -0.75 -7.93
N LEU A 194 -7.68 -0.79 -8.86
CA LEU A 194 -8.61 0.32 -9.03
C LEU A 194 -9.56 0.38 -7.85
N TRP A 195 -10.04 -0.79 -7.41
CA TRP A 195 -10.83 -0.85 -6.19
C TRP A 195 -10.06 -0.22 -5.04
N SER A 196 -8.81 -0.63 -4.90
CA SER A 196 -7.93 -0.11 -3.84
C SER A 196 -7.83 1.42 -3.85
N LEU A 197 -7.72 2.03 -5.03
CA LEU A 197 -7.65 3.48 -5.12
C LEU A 197 -8.96 4.09 -4.64
N GLY A 198 -10.07 3.42 -4.95
CA GLY A 198 -11.38 3.93 -4.61
C GLY A 198 -11.56 3.96 -3.11
N VAL A 199 -11.15 2.86 -2.47
CA VAL A 199 -11.25 2.75 -1.03
C VAL A 199 -10.38 3.81 -0.32
N LEU A 200 -9.16 4.00 -0.82
CA LEU A 200 -8.23 4.94 -0.18
C LEU A 200 -8.67 6.38 -0.42
N CYS A 201 -9.17 6.67 -1.61
CA CYS A 201 -9.61 8.03 -1.93
C CYS A 201 -10.67 8.43 -0.92
N TYR A 202 -11.58 7.51 -0.67
CA TYR A 202 -12.65 7.70 0.29
C TYR A 202 -12.11 7.87 1.71
N GLU A 203 -11.26 6.94 2.15
CA GLU A 203 -10.67 7.03 3.49
C GLU A 203 -9.90 8.33 3.65
N PHE A 204 -9.13 8.73 2.63
CA PHE A 204 -8.36 9.97 2.71
C PHE A 204 -9.27 11.18 2.98
N LEU A 205 -10.39 11.23 2.26
CA LEU A 205 -11.32 12.36 2.37
C LEU A 205 -12.22 12.31 3.62
N VAL A 206 -12.57 11.10 4.05
CA VAL A 206 -13.59 10.92 5.06
C VAL A 206 -12.98 10.62 6.43
N GLY A 207 -11.85 9.92 6.44
CA GLY A 207 -11.18 9.57 7.69
C GLY A 207 -11.46 8.15 8.15
N LYS A 208 -12.22 7.40 7.36
CA LYS A 208 -12.40 5.96 7.62
C LYS A 208 -12.87 5.28 6.34
N PRO A 209 -12.51 3.99 6.17
CA PRO A 209 -12.79 3.34 4.89
C PRO A 209 -14.29 3.10 4.74
N PRO A 210 -14.77 3.02 3.50
CA PRO A 210 -16.20 3.18 3.25
C PRO A 210 -17.04 1.97 3.71
N PHE A 211 -16.41 0.88 4.13
CA PHE A 211 -17.17 -0.30 4.52
C PHE A 211 -16.88 -0.68 5.96
N GLU A 212 -16.27 0.25 6.68
CA GLU A 212 -15.91 0.00 8.06
C GLU A 212 -17.12 -0.44 8.87
N ALA A 213 -16.94 -1.43 9.74
CA ALA A 213 -18.03 -1.89 10.58
C ALA A 213 -17.49 -2.57 11.82
N ASN A 214 -18.39 -2.92 12.73
CA ASN A 214 -18.02 -3.45 14.03
C ASN A 214 -17.58 -4.89 13.96
N THR A 215 -18.08 -5.58 12.95
CA THR A 215 -17.77 -6.99 12.80
C THR A 215 -17.28 -7.27 11.41
N TYR A 216 -16.47 -8.32 11.32
CA TYR A 216 -16.05 -8.92 10.06
C TYR A 216 -17.27 -9.29 9.23
N GLN A 217 -18.26 -9.89 9.89
CA GLN A 217 -19.47 -10.35 9.22
C GLN A 217 -20.19 -9.18 8.49
N GLU A 218 -20.32 -8.03 9.15
CA GLU A 218 -21.00 -6.90 8.53
C GLU A 218 -20.18 -6.29 7.39
N THR A 219 -18.87 -6.24 7.58
CA THR A 219 -17.98 -5.64 6.59
C THR A 219 -18.00 -6.44 5.30
N TYR A 220 -17.92 -7.76 5.45
CA TYR A 220 -18.07 -8.66 4.32
C TYR A 220 -19.32 -8.35 3.48
N LYS A 221 -20.47 -8.19 4.14
CA LYS A 221 -21.74 -7.96 3.46
C LYS A 221 -21.68 -6.63 2.72
N ARG A 222 -21.16 -5.62 3.40
CA ARG A 222 -21.17 -4.27 2.87
C ARG A 222 -20.26 -4.18 1.64
N ILE A 223 -19.14 -4.89 1.65
CA ILE A 223 -18.25 -4.91 0.48
C ILE A 223 -18.90 -5.63 -0.69
N SER A 224 -19.42 -6.83 -0.42
CA SER A 224 -20.08 -7.61 -1.45
C SER A 224 -21.23 -6.83 -2.10
N ARG A 225 -21.98 -6.11 -1.28
CA ARG A 225 -23.06 -5.26 -1.76
C ARG A 225 -22.56 -3.92 -2.33
N VAL A 226 -21.30 -3.60 -2.09
CA VAL A 226 -20.82 -2.22 -2.32
C VAL A 226 -21.80 -1.23 -1.66
N GLU A 227 -22.11 -1.48 -0.39
CA GLU A 227 -23.07 -0.67 0.33
C GLU A 227 -22.36 0.41 1.15
N PHE A 228 -22.19 1.59 0.56
CA PHE A 228 -21.64 2.74 1.28
C PHE A 228 -22.33 4.06 0.92
N THR A 229 -22.10 5.08 1.75
CA THR A 229 -22.63 6.42 1.51
C THR A 229 -21.54 7.46 1.77
N PHE A 230 -21.72 8.65 1.22
CA PHE A 230 -20.81 9.76 1.44
C PHE A 230 -21.32 10.72 2.49
N PRO A 231 -20.44 11.19 3.39
CA PRO A 231 -20.84 12.34 4.21
C PRO A 231 -21.07 13.55 3.31
N ASP A 232 -21.86 14.51 3.76
CA ASP A 232 -22.22 15.67 2.95
C ASP A 232 -21.03 16.44 2.39
N PHE A 233 -19.91 16.43 3.09
CA PHE A 233 -18.79 17.31 2.74
C PHE A 233 -17.94 16.76 1.58
N VAL A 234 -18.28 15.58 1.08
CA VAL A 234 -17.53 15.00 -0.04
C VAL A 234 -18.09 15.56 -1.36
N THR A 235 -17.23 16.20 -2.14
CA THR A 235 -17.67 16.94 -3.33
C THR A 235 -18.11 16.03 -4.48
N GLU A 236 -18.85 16.61 -5.41
CA GLU A 236 -19.40 15.87 -6.55
C GLU A 236 -18.30 15.23 -7.38
N GLY A 237 -17.18 15.94 -7.53
CA GLY A 237 -16.06 15.45 -8.30
C GLY A 237 -15.45 14.22 -7.64
N ALA A 238 -15.38 14.22 -6.32
CA ALA A 238 -14.78 13.11 -5.59
C ALA A 238 -15.73 11.90 -5.53
N ARG A 239 -17.03 12.18 -5.37
CA ARG A 239 -18.05 11.13 -5.42
C ARG A 239 -17.99 10.40 -6.76
N ASP A 240 -17.86 11.17 -7.83
CA ASP A 240 -17.79 10.64 -9.18
C ASP A 240 -16.61 9.69 -9.36
N LEU A 241 -15.42 10.10 -8.92
CA LEU A 241 -14.25 9.23 -9.05
C LEU A 241 -14.43 7.96 -8.22
N ILE A 242 -14.81 8.13 -6.96
CA ILE A 242 -14.94 7.00 -6.04
C ILE A 242 -16.03 6.02 -6.53
N SER A 243 -17.14 6.57 -7.02
CA SER A 243 -18.21 5.72 -7.54
C SER A 243 -17.76 4.92 -8.76
N ARG A 244 -16.88 5.50 -9.58
CA ARG A 244 -16.34 4.79 -10.72
C ARG A 244 -15.30 3.70 -10.36
N LEU A 245 -14.57 3.89 -9.26
CA LEU A 245 -13.61 2.87 -8.84
C LEU A 245 -14.28 1.72 -8.11
N LEU A 246 -15.17 2.05 -7.18
CA LEU A 246 -15.86 1.07 -6.37
C LEU A 246 -17.01 0.36 -7.12
N LYS A 247 -16.73 -0.13 -8.33
CA LYS A 247 -17.72 -0.90 -9.08
C LYS A 247 -17.61 -2.37 -8.68
N HIS A 248 -18.75 -3.02 -8.48
CA HIS A 248 -18.73 -4.41 -8.07
C HIS A 248 -18.09 -5.26 -9.15
N ASN A 249 -18.44 -4.97 -10.40
CA ASN A 249 -17.89 -5.65 -11.54
C ASN A 249 -16.54 -5.04 -11.92
N PRO A 250 -15.46 -5.81 -11.74
CA PRO A 250 -14.10 -5.32 -11.96
C PRO A 250 -13.93 -4.70 -13.34
N SER A 251 -14.71 -5.19 -14.30
CA SER A 251 -14.58 -4.77 -15.69
C SER A 251 -15.20 -3.41 -15.96
N GLN A 252 -16.03 -2.92 -15.03
CA GLN A 252 -16.59 -1.57 -15.13
C GLN A 252 -15.63 -0.54 -14.53
N ARG A 253 -14.61 -1.01 -13.83
CA ARG A 253 -13.64 -0.08 -13.24
C ARG A 253 -12.79 0.53 -14.34
N PRO A 254 -12.50 1.83 -14.23
CA PRO A 254 -11.67 2.51 -15.22
C PRO A 254 -10.26 1.98 -15.25
N MET A 255 -9.52 2.31 -16.30
CA MET A 255 -8.10 2.07 -16.35
C MET A 255 -7.43 3.16 -15.52
N LEU A 256 -6.22 2.90 -15.05
CA LEU A 256 -5.49 3.84 -14.19
C LEU A 256 -5.25 5.11 -14.96
N ARG A 257 -4.95 4.89 -16.22
CA ARG A 257 -4.78 5.91 -17.23
C ARG A 257 -5.93 6.92 -17.21
N GLU A 258 -7.11 6.47 -16.77
CA GLU A 258 -8.28 7.35 -16.72
C GLU A 258 -8.45 7.98 -15.36
N VAL A 259 -7.98 7.31 -14.32
CA VAL A 259 -7.92 7.93 -12.99
C VAL A 259 -7.05 9.20 -13.05
N LEU A 260 -5.96 9.11 -13.81
CA LEU A 260 -4.98 10.18 -13.84
C LEU A 260 -5.46 11.36 -14.64
N GLU A 261 -6.47 11.13 -15.47
CA GLU A 261 -7.03 12.19 -16.31
C GLU A 261 -8.41 12.62 -15.82
N HIS A 262 -8.79 12.18 -14.64
CA HIS A 262 -10.08 12.57 -14.09
C HIS A 262 -10.03 14.05 -13.69
N PRO A 263 -11.10 14.81 -14.02
CA PRO A 263 -11.10 16.26 -13.83
C PRO A 263 -10.93 16.66 -12.36
N TRP A 264 -11.43 15.85 -11.44
CA TRP A 264 -11.25 16.12 -10.03
C TRP A 264 -9.81 15.85 -9.61
N ILE A 265 -9.21 14.79 -10.16
CA ILE A 265 -7.80 14.52 -9.95
C ILE A 265 -6.95 15.64 -10.56
N THR A 266 -7.23 15.92 -11.83
CA THR A 266 -6.54 16.95 -12.60
C THR A 266 -6.62 18.32 -11.94
N ALA A 267 -7.80 18.66 -11.41
CA ALA A 267 -8.02 19.97 -10.84
C ALA A 267 -7.34 20.15 -9.48
N ASN A 268 -7.19 19.05 -8.74
CA ASN A 268 -6.73 19.15 -7.35
C ASN A 268 -5.31 18.66 -7.04
N SER A 269 -4.73 17.84 -7.90
CA SER A 269 -3.46 17.19 -7.58
C SER A 269 -2.24 18.03 -7.92
N SER A 270 -1.22 17.96 -7.08
CA SER A 270 0.03 18.69 -7.31
C SER A 270 0.98 17.89 -8.19
N LYS A 271 0.79 16.58 -8.23
CA LYS A 271 1.71 15.68 -8.91
C LYS A 271 1.28 15.42 -10.35
N PRO A 272 2.17 15.71 -11.31
CA PRO A 272 1.96 15.34 -12.71
C PRO A 272 1.66 13.84 -12.89
N SER A 273 0.85 13.51 -13.90
CA SER A 273 0.41 12.15 -14.17
C SER A 273 1.44 11.30 -14.91
N ASN A 274 1.56 10.03 -14.51
CA ASN A 274 2.34 9.03 -15.22
C ASN A 274 3.75 9.49 -15.60
N ALA A 275 4.19 9.08 -16.78
CA ALA A 275 5.51 9.41 -17.28
C ALA A 275 5.73 8.85 -18.69
C10 G7T B . 7.11 -1.20 6.14
C13 G7T B . 8.35 -2.89 4.95
C15 G7T B . 7.54 -5.18 4.40
C17 G7T B . 7.11 -7.50 4.16
C20 G7T B . 4.84 -10.55 3.54
C21 G7T B . 4.55 -11.79 4.08
C22 G7T B . 3.74 -12.82 3.22
C26 G7T B . 4.96 -12.10 5.35
C28 G7T B . 5.68 -11.18 6.10
N01 G7T B . 10.84 1.50 5.74
C02 G7T B . 10.27 2.19 6.89
N03 G7T B . 10.80 3.40 7.23
C04 G7T B . 10.30 4.09 8.28
N05 G7T B . 9.28 3.63 9.03
C06 G7T B . 8.67 2.43 8.77
C07 G7T B . 9.18 1.64 7.64
C08 G7T B . 8.33 0.48 7.65
C09 G7T B . 8.34 -0.72 6.70
C11 G7T B . 5.75 -0.57 6.45
C12 G7T B . 7.13 -2.27 5.29
N14 G7T B . 8.34 -4.04 4.05
C16 G7T B . 7.47 -6.40 3.51
C18 G7T B . 5.86 -8.25 3.65
C19 G7T B . 5.54 -9.64 4.28
F23 G7T B . 3.24 -13.74 4.01
F24 G7T B . 4.56 -13.38 2.34
F25 G7T B . 2.77 -12.20 2.60
F27 G7T B . 4.68 -13.28 5.85
C29 G7T B . 5.97 -9.95 5.56
O30 G7T B . 5.17 -7.80 2.81
O31 G7T B . 6.87 -5.18 5.45
C32 G7T B . 9.53 -2.43 5.50
C33 G7T B . 9.52 -1.33 6.38
N34 G7T B . 7.44 0.60 8.70
N35 G7T B . 7.65 1.75 9.35
C36 G7T B . 6.80 2.09 10.48
C37 G7T B . 6.65 3.58 10.74
C38 G7T B . 7.29 1.29 11.68
H171 G7T B . 7.40 -7.64 5.10
H201 G7T B . 4.56 -10.33 2.65
H281 G7T B . 5.97 -11.40 7.01
H011 G7T B . 11.76 1.55 5.57
H012 G7T B . 10.29 0.99 5.18
H041 G7T B . 10.71 4.97 8.53
H112 G7T B . 5.18 -0.60 5.63
H111 G7T B . 5.88 0.38 6.73
H113 G7T B . 5.31 -1.08 7.18
H121 G7T B . 6.27 -2.60 4.91
H141 G7T B . 8.84 -4.04 3.26
H161 G7T B . 7.18 -6.28 2.59
H291 G7T B . 6.47 -9.29 6.09
H321 G7T B . 10.36 -2.86 5.27
H331 G7T B . 10.33 -1.02 6.75
H361 G7T B . 5.90 1.74 10.28
H373 G7T B . 7.51 4.05 10.50
H371 G7T B . 6.43 3.74 11.71
H372 G7T B . 5.94 3.93 10.20
H381 G7T B . 8.10 1.67 12.01
H383 G7T B . 7.44 0.36 11.42
H382 G7T B . 6.60 1.32 12.40
CL CL C . -27.44 -3.47 6.62
CL CL D . -29.61 -6.84 6.04
CL CL E . -30.93 -3.63 4.47
C ACT F . -20.98 5.27 -12.25
O ACT F . -20.57 6.05 -11.36
OXT ACT F . -22.16 4.87 -12.13
CH3 ACT F . -20.11 4.85 -13.40
H1 ACT F . -20.67 4.17 -14.05
H2 ACT F . -19.23 4.34 -13.02
H3 ACT F . -19.80 5.73 -13.97
C ACT G . -14.57 -0.73 16.96
O ACT G . -14.75 -1.04 15.77
OXT ACT G . -15.59 -0.51 17.66
CH3 ACT G . -13.18 -0.64 17.55
H1 ACT G . -13.26 -0.36 18.60
H2 ACT G . -12.62 0.13 17.02
H3 ACT G . -12.68 -1.59 17.46
C ACT H . 3.62 11.24 16.32
O ACT H . 3.25 11.23 15.14
OXT ACT H . 4.36 10.31 16.69
CH3 ACT H . 3.20 12.33 17.27
H1 ACT H . 2.55 13.04 16.74
H2 ACT H . 4.08 12.85 17.65
H3 ACT H . 2.64 11.90 18.10
C7 PGF I . -13.39 16.09 10.67
C8 PGF I . -12.07 16.80 10.97
O5 PGF I . -11.56 17.45 9.83
C9 PGF I . -10.17 17.93 9.96
C10 PGF I . -9.59 18.53 8.62
O6 PGF I . -10.42 18.29 7.48
C11 PGF I . -9.94 18.90 6.25
C12 PGF I . -11.03 18.98 5.20
O7 PGF I . -12.30 18.92 5.84
C13 PGF I . -13.45 19.44 5.15
C14 PGF I . -14.47 19.91 6.19
O8 PGF I . -15.42 18.88 6.51
C15 PGF I . -15.92 18.93 7.87
H71 PGF I . -14.05 16.32 11.35
H72 PGF I . -13.25 15.13 10.64
H81 PGF I . -12.21 17.45 11.66
H82 PGF I . -11.40 16.14 11.28
H91 PGF I . -10.14 18.62 10.66
H92 PGF I . -9.58 17.15 10.24
H101 PGF I . -9.50 19.49 8.73
H102 PGF I . -8.69 18.15 8.47
H111 PGF I . -9.65 19.82 6.47
H112 PGF I . -9.17 18.39 5.89
H121 PGF I . -10.95 19.82 4.72
H122 PGF I . -10.95 18.23 4.57
H131 PGF I . -13.19 20.20 4.55
H132 PGF I . -13.85 18.71 4.61
H141 PGF I . -13.97 20.17 7.03
H142 PGF I . -14.96 20.71 5.85
H151 PGF I . -16.70 18.32 7.95
H152 PGF I . -15.21 18.62 8.50
H153 PGF I . -16.19 19.85 8.09
#